data_9BRP
#
_entry.id   9BRP
#
_cell.length_a   139.883
_cell.length_b   139.883
_cell.length_c   72.312
_cell.angle_alpha   90.000
_cell.angle_beta   90.000
_cell.angle_gamma   90.000
#
_symmetry.space_group_name_H-M   'P 41 21 2'
#
loop_
_entity.id
_entity.type
_entity.pdbx_description
1 polymer 'G protein-coupled receptor kinase 5'
2 non-polymer (3Z)-3-[(4-{[(2R)-2-methoxypropyl]carbamoyl}-3,5-dimethyl-1H-pyrrol-2-yl)methylidene]-2-oxo-N-[(1R)-1-phenylethyl]-3,7-dihydro-2H-indole-5-carboxamide
3 water water
#
_entity_poly.entity_id   1
_entity_poly.type   'polypeptide(L)'
_entity_poly.pdbx_seq_one_letter_code
;MELENIVANTVLLKAREGGGGKRKGKSKKWKEILKFPHISQCEDLRRTIDRDYCSLCDKQPIGRLLFRQFCETRPGLECY
IQFLDSVAEYEVTPDEKLGEKGKEIMTKYLTPKSPVFIAQVGQDLVSQTEEKLLQKPCKELFSACAQSVHEYLRGEPFHE
YLDSMFFDRFLQWKWLERQPVTKNTFRQYRVLGKGGFGEVCACQVRATGKMYACKRLEKKRIKKRKGESMALNEKQILEK
VNSQFVVNLAYAYETKDALCLVLTIMNGGDLKFHIYNMGNPGFEEERALFYAAEILCGLEDLHRENTVYRNLKPENILLD
DYGHIRISDLGLAVKIPEGDLIRGRVGTVGYMAPEVLNNQRYGLSPDYWGLGCLIYEMIEGQSPFRGRKEKVKREEVDRR
VLETEEVYSHKFSEEAKSICKMLLTKDAKQRLGCQEEGAAEVKRHPFFRNMNFKRLEAGMLDPPFVPDPRAVYCKDVLDI
EQFSTVKGVNLDHTDDDFYSKFSTGSVSIPWQNEMIETECFKELNVFGPNGTLPPDLNRNHPPEPPKKGLLQRLFKRQHQ
NNSKSSPSSKTSFNHHINSNHVSSNSTGSSVDHHHHHH
;
_entity_poly.pdbx_strand_id   A
#
# COMPACT_ATOMS: atom_id res chain seq x y z
N GLY A 25 -20.58 -11.94 -11.43
CA GLY A 25 -20.64 -10.55 -11.83
C GLY A 25 -19.66 -10.20 -12.92
N LYS A 26 -19.06 -11.21 -13.53
CA LYS A 26 -18.13 -11.01 -14.63
C LYS A 26 -18.86 -11.03 -15.97
N SER A 27 -18.13 -10.70 -17.04
CA SER A 27 -18.64 -10.93 -18.38
C SER A 27 -18.88 -12.43 -18.58
N LYS A 28 -19.77 -12.76 -19.52
CA LYS A 28 -20.12 -14.16 -19.73
C LYS A 28 -19.16 -14.88 -20.68
N LYS A 29 -18.31 -14.14 -21.39
CA LYS A 29 -17.25 -14.72 -22.20
C LYS A 29 -15.87 -14.40 -21.63
N TRP A 30 -15.80 -14.19 -20.31
CA TRP A 30 -14.55 -13.77 -19.69
C TRP A 30 -13.49 -14.87 -19.76
N LYS A 31 -13.91 -16.14 -19.83
CA LYS A 31 -12.96 -17.23 -19.93
C LYS A 31 -12.25 -17.26 -21.27
N GLU A 32 -12.78 -16.57 -22.27
CA GLU A 32 -12.11 -16.40 -23.55
C GLU A 32 -11.29 -15.12 -23.64
N ILE A 33 -11.69 -14.09 -22.88
CA ILE A 33 -10.90 -12.86 -22.84
C ILE A 33 -9.60 -13.09 -22.09
N LEU A 34 -9.66 -13.79 -20.95
CA LEU A 34 -8.48 -14.16 -20.20
C LEU A 34 -7.95 -15.54 -20.60
N LYS A 35 -8.29 -16.02 -21.79
CA LYS A 35 -7.76 -17.31 -22.25
C LYS A 35 -6.24 -17.24 -22.33
N PHE A 36 -5.58 -18.26 -21.80
CA PHE A 36 -4.13 -18.30 -21.86
C PHE A 36 -3.68 -18.30 -23.31
N PRO A 37 -2.57 -17.64 -23.65
CA PRO A 37 -1.94 -17.85 -24.96
C PRO A 37 -1.19 -19.18 -24.95
N HIS A 38 -0.84 -19.63 -26.14
CA HIS A 38 0.03 -20.80 -26.24
C HIS A 38 1.44 -20.40 -25.83
N ILE A 39 2.12 -21.30 -25.11
CA ILE A 39 3.44 -21.00 -24.58
C ILE A 39 4.37 -20.47 -25.66
N SER A 40 4.14 -20.87 -26.91
CA SER A 40 4.99 -20.40 -28.01
C SER A 40 4.90 -18.90 -28.21
N GLN A 41 3.83 -18.25 -27.74
CA GLN A 41 3.70 -16.81 -27.84
C GLN A 41 4.59 -16.07 -26.86
N CYS A 42 5.18 -16.78 -25.89
CA CYS A 42 5.86 -16.15 -24.78
C CYS A 42 7.39 -16.21 -24.91
N GLU A 43 7.91 -16.54 -26.09
CA GLU A 43 9.37 -16.60 -26.21
C GLU A 43 9.99 -15.22 -26.05
N ASP A 44 9.35 -14.17 -26.60
CA ASP A 44 9.88 -12.82 -26.44
C ASP A 44 9.93 -12.42 -24.97
N LEU A 45 8.93 -12.82 -24.19
CA LEU A 45 8.93 -12.56 -22.75
C LEU A 45 10.09 -13.28 -22.08
N ARG A 46 10.07 -14.62 -22.11
CA ARG A 46 11.08 -15.44 -21.48
C ARG A 46 12.49 -14.89 -21.65
N ARG A 47 12.77 -14.30 -22.82
CA ARG A 47 14.10 -13.84 -23.14
C ARG A 47 14.50 -12.56 -22.44
N THR A 48 13.52 -11.75 -22.01
CA THR A 48 13.81 -10.41 -21.51
C THR A 48 13.57 -10.22 -20.02
N ILE A 49 12.68 -11.01 -19.41
CA ILE A 49 12.36 -10.80 -18.00
C ILE A 49 13.59 -11.12 -17.15
N ASP A 50 13.86 -10.26 -16.16
CA ASP A 50 14.96 -10.52 -15.25
C ASP A 50 14.60 -11.68 -14.32
N ARG A 51 15.53 -12.63 -14.17
CA ARG A 51 15.32 -13.79 -13.32
C ARG A 51 15.69 -13.48 -11.88
N ASP A 52 15.11 -12.40 -11.34
CA ASP A 52 15.36 -12.00 -9.97
C ASP A 52 14.44 -12.76 -9.02
N TYR A 53 15.03 -13.39 -8.00
CA TYR A 53 14.25 -14.26 -7.11
C TYR A 53 13.21 -13.47 -6.32
N CYS A 54 13.63 -12.41 -5.64
CA CYS A 54 12.70 -11.65 -4.81
C CYS A 54 11.57 -11.04 -5.61
N SER A 55 11.74 -10.89 -6.93
CA SER A 55 10.67 -10.39 -7.78
C SER A 55 9.76 -11.53 -8.23
N LEU A 56 10.34 -12.53 -8.92
CA LEU A 56 9.51 -13.57 -9.51
C LEU A 56 8.86 -14.47 -8.47
N CYS A 57 9.38 -14.54 -7.25
CA CYS A 57 8.89 -15.50 -6.28
C CYS A 57 8.34 -14.89 -4.99
N ASP A 58 8.26 -13.56 -4.89
CA ASP A 58 7.78 -12.96 -3.66
C ASP A 58 6.96 -11.69 -3.91
N LYS A 59 7.58 -10.68 -4.53
CA LYS A 59 6.85 -9.44 -4.80
C LYS A 59 5.65 -9.69 -5.70
N GLN A 60 5.88 -10.27 -6.89
CA GLN A 60 4.82 -10.57 -7.83
C GLN A 60 3.84 -11.56 -7.21
N PRO A 61 2.64 -11.14 -6.82
CA PRO A 61 1.75 -12.06 -6.08
C PRO A 61 1.49 -13.38 -6.78
N ILE A 62 1.41 -13.38 -8.11
CA ILE A 62 1.14 -14.63 -8.83
C ILE A 62 2.41 -15.44 -9.01
N GLY A 63 3.55 -14.78 -9.16
CA GLY A 63 4.81 -15.51 -9.16
C GLY A 63 5.06 -16.21 -7.83
N ARG A 64 4.75 -15.53 -6.72
CA ARG A 64 4.88 -16.15 -5.42
C ARG A 64 4.03 -17.41 -5.33
N LEU A 65 2.74 -17.30 -5.66
CA LEU A 65 1.86 -18.46 -5.60
C LEU A 65 2.37 -19.60 -6.46
N LEU A 66 2.84 -19.29 -7.67
CA LEU A 66 3.29 -20.35 -8.57
C LEU A 66 4.57 -21.02 -8.08
N PHE A 67 5.45 -20.26 -7.42
CA PHE A 67 6.65 -20.89 -6.90
C PHE A 67 6.34 -21.77 -5.70
N ARG A 68 5.38 -21.36 -4.87
CA ARG A 68 4.96 -22.22 -3.77
C ARG A 68 4.30 -23.50 -4.29
N GLN A 69 3.53 -23.38 -5.38
CA GLN A 69 2.94 -24.55 -5.98
C GLN A 69 4.01 -25.49 -6.53
N PHE A 70 5.14 -24.93 -6.97
CA PHE A 70 6.24 -25.76 -7.44
C PHE A 70 6.84 -26.57 -6.30
N CYS A 71 7.11 -25.91 -5.17
CA CYS A 71 7.70 -26.59 -4.03
C CYS A 71 6.78 -27.66 -3.44
N GLU A 72 5.47 -27.57 -3.71
CA GLU A 72 4.52 -28.55 -3.19
C GLU A 72 4.60 -29.88 -3.92
N THR A 73 5.13 -29.89 -5.15
CA THR A 73 5.29 -31.15 -5.86
C THR A 73 6.45 -31.98 -5.31
N ARG A 74 7.59 -31.33 -5.05
CA ARG A 74 8.74 -32.03 -4.50
C ARG A 74 8.59 -32.19 -3.00
N PRO A 75 8.68 -33.40 -2.45
CA PRO A 75 8.64 -33.55 -0.99
C PRO A 75 9.77 -32.83 -0.27
N GLY A 76 10.88 -32.56 -0.96
CA GLY A 76 12.02 -31.96 -0.29
C GLY A 76 11.85 -30.49 0.03
N LEU A 77 11.10 -29.77 -0.81
CA LEU A 77 10.91 -28.34 -0.59
C LEU A 77 9.62 -28.00 0.15
N GLU A 78 8.69 -28.96 0.25
CA GLU A 78 7.40 -28.68 0.89
C GLU A 78 7.60 -28.17 2.32
N CYS A 79 8.54 -28.76 3.05
CA CYS A 79 8.73 -28.40 4.46
C CYS A 79 9.31 -27.00 4.62
N TYR A 80 9.99 -26.47 3.62
CA TYR A 80 10.57 -25.13 3.73
C TYR A 80 9.51 -24.05 3.62
N ILE A 81 8.54 -24.22 2.71
CA ILE A 81 7.45 -23.26 2.57
C ILE A 81 6.62 -23.23 3.84
N GLN A 82 6.37 -24.40 4.44
CA GLN A 82 5.53 -24.44 5.63
C GLN A 82 6.23 -23.81 6.83
N PHE A 83 7.56 -23.91 6.89
CA PHE A 83 8.27 -23.28 8.01
C PHE A 83 8.16 -21.76 7.95
N LEU A 84 8.34 -21.18 6.76
CA LEU A 84 8.21 -19.73 6.63
C LEU A 84 6.80 -19.27 6.96
N ASP A 85 5.79 -20.07 6.57
CA ASP A 85 4.41 -19.73 6.93
C ASP A 85 4.25 -19.63 8.44
N SER A 86 4.83 -20.58 9.18
CA SER A 86 4.70 -20.57 10.63
C SER A 86 5.42 -19.38 11.25
N VAL A 87 6.52 -18.93 10.63
CA VAL A 87 7.23 -17.77 11.14
C VAL A 87 6.40 -16.50 10.90
N ALA A 88 5.75 -16.42 9.73
CA ALA A 88 4.87 -15.29 9.46
C ALA A 88 3.79 -15.18 10.53
N GLU A 89 3.24 -16.31 10.96
CA GLU A 89 2.26 -16.30 12.03
C GLU A 89 2.87 -15.87 13.35
N TYR A 90 4.16 -16.13 13.54
CA TYR A 90 4.81 -15.86 14.82
C TYR A 90 5.08 -14.38 15.05
N GLU A 91 5.31 -13.63 13.96
CA GLU A 91 5.66 -12.22 14.11
C GLU A 91 4.48 -11.38 14.59
N VAL A 92 3.26 -11.91 14.52
CA VAL A 92 2.06 -11.15 14.91
C VAL A 92 1.42 -11.71 16.16
N THR A 93 1.88 -12.83 16.68
CA THR A 93 1.25 -13.42 17.86
C THR A 93 1.33 -12.45 19.03
N PRO A 94 0.29 -12.36 19.86
CA PRO A 94 0.35 -11.47 21.03
C PRO A 94 1.53 -11.83 21.92
N ASP A 95 2.03 -10.81 22.63
CA ASP A 95 3.23 -10.99 23.44
C ASP A 95 3.04 -12.08 24.48
N GLU A 96 1.91 -12.08 25.18
CA GLU A 96 1.70 -13.07 26.23
C GLU A 96 1.51 -14.46 25.64
N LYS A 97 0.85 -14.58 24.48
CA LYS A 97 0.66 -15.86 23.81
C LYS A 97 1.78 -16.12 22.81
N LEU A 98 3.02 -15.77 23.15
CA LEU A 98 4.15 -15.79 22.22
C LEU A 98 5.08 -16.98 22.42
N GLY A 99 5.66 -17.10 23.61
CA GLY A 99 6.57 -18.23 23.86
C GLY A 99 5.88 -19.57 23.64
N GLU A 100 4.63 -19.67 24.14
CA GLU A 100 3.72 -20.76 23.80
C GLU A 100 3.91 -21.15 22.35
N LYS A 101 3.81 -20.17 21.45
CA LYS A 101 3.91 -20.45 20.02
C LYS A 101 5.34 -20.79 19.60
N GLY A 102 6.32 -20.12 20.20
CA GLY A 102 7.70 -20.38 19.85
C GLY A 102 8.08 -21.84 20.03
N LYS A 103 7.68 -22.44 21.14
CA LYS A 103 8.01 -23.83 21.39
C LYS A 103 7.41 -24.73 20.32
N GLU A 104 6.17 -24.45 19.90
CA GLU A 104 5.53 -25.30 18.90
C GLU A 104 6.35 -25.34 17.61
N ILE A 105 6.84 -24.19 17.16
CA ILE A 105 7.68 -24.16 15.97
C ILE A 105 8.98 -24.92 16.24
N MET A 106 9.58 -24.70 17.40
CA MET A 106 10.85 -25.37 17.74
C MET A 106 10.70 -26.88 17.68
N THR A 107 9.53 -27.39 18.07
CA THR A 107 9.29 -28.82 18.18
C THR A 107 8.55 -29.38 16.97
N LYS A 108 8.90 -28.95 15.77
CA LYS A 108 8.14 -29.34 14.58
C LYS A 108 9.02 -29.28 13.34
N TYR A 109 9.76 -28.19 13.16
CA TYR A 109 10.60 -28.01 11.99
C TYR A 109 12.08 -28.22 12.26
N LEU A 110 12.50 -28.20 13.52
CA LEU A 110 13.90 -28.08 13.87
C LEU A 110 14.27 -29.03 14.99
N THR A 111 13.68 -30.22 15.00
CA THR A 111 14.04 -31.28 15.90
C THR A 111 14.81 -32.36 15.15
N PRO A 112 15.53 -33.24 15.85
CA PRO A 112 16.41 -34.18 15.12
C PRO A 112 15.68 -35.04 14.10
N LYS A 113 14.54 -35.62 14.47
CA LYS A 113 13.81 -36.55 13.62
C LYS A 113 12.42 -36.03 13.26
N SER A 114 12.26 -34.70 13.17
CA SER A 114 10.96 -34.14 12.84
C SER A 114 10.51 -34.62 11.47
N PRO A 115 9.20 -34.65 11.22
CA PRO A 115 8.72 -35.09 9.90
C PRO A 115 9.05 -34.10 8.80
N VAL A 116 9.17 -32.82 9.13
CA VAL A 116 9.44 -31.78 8.15
C VAL A 116 10.78 -31.13 8.47
N PHE A 117 11.72 -31.92 9.00
CA PHE A 117 13.02 -31.40 9.39
C PHE A 117 13.69 -30.72 8.20
N ILE A 118 14.11 -29.47 8.38
CA ILE A 118 14.81 -28.72 7.35
C ILE A 118 16.31 -28.78 7.63
N ALA A 119 17.08 -29.01 6.59
CA ALA A 119 18.50 -29.35 6.73
C ALA A 119 19.44 -28.15 6.63
N GLN A 120 19.16 -27.20 5.74
CA GLN A 120 20.07 -26.08 5.53
C GLN A 120 20.21 -25.18 6.75
N VAL A 121 19.44 -25.43 7.82
CA VAL A 121 19.66 -24.76 9.10
C VAL A 121 20.80 -25.52 9.78
N GLY A 122 22.02 -24.96 9.72
CA GLY A 122 23.15 -25.59 10.36
C GLY A 122 22.86 -25.91 11.81
N GLN A 123 23.45 -27.00 12.33
CA GLN A 123 23.24 -27.35 13.73
C GLN A 123 23.58 -26.18 14.65
N ASP A 124 24.44 -25.28 14.19
CA ASP A 124 24.73 -24.08 14.97
C ASP A 124 23.54 -23.15 15.03
N LEU A 125 22.85 -22.97 13.90
CA LEU A 125 21.70 -22.05 13.87
C LEU A 125 20.62 -22.49 14.85
N VAL A 126 20.28 -23.78 14.84
CA VAL A 126 19.23 -24.27 15.73
C VAL A 126 19.64 -24.11 17.19
N SER A 127 20.92 -24.33 17.49
CA SER A 127 21.37 -24.23 18.87
C SER A 127 21.30 -22.80 19.38
N GLN A 128 21.50 -21.81 18.52
CA GLN A 128 21.41 -20.43 18.96
C GLN A 128 19.96 -20.03 19.21
N THR A 129 19.02 -20.64 18.48
CA THR A 129 17.61 -20.28 18.64
C THR A 129 16.96 -21.07 19.78
N GLU A 130 17.32 -22.35 19.92
CA GLU A 130 16.75 -23.13 21.02
C GLU A 130 17.19 -22.62 22.38
N GLU A 131 18.36 -21.98 22.44
CA GLU A 131 18.79 -21.33 23.68
C GLU A 131 18.21 -19.92 23.78
N LYS A 132 17.96 -19.25 22.66
CA LYS A 132 17.28 -17.97 22.69
C LYS A 132 15.86 -18.09 23.22
N LEU A 133 15.26 -19.27 23.10
CA LEU A 133 13.92 -19.50 23.63
C LEU A 133 13.86 -19.21 25.12
N LEU A 134 14.95 -19.47 25.85
CA LEU A 134 14.91 -19.34 27.30
C LEU A 134 14.72 -17.89 27.72
N GLN A 135 15.23 -16.93 26.98
CA GLN A 135 15.10 -15.54 27.37
C GLN A 135 13.78 -14.99 26.85
N LYS A 136 13.49 -13.73 27.19
CA LYS A 136 12.29 -13.02 26.75
C LYS A 136 12.05 -13.31 25.27
N PRO A 137 11.11 -14.19 24.93
CA PRO A 137 10.88 -14.50 23.51
C PRO A 137 10.59 -13.25 22.70
N CYS A 138 11.31 -13.09 21.61
CA CYS A 138 11.17 -11.94 20.73
C CYS A 138 10.32 -12.30 19.52
N LYS A 139 9.79 -11.27 18.87
CA LYS A 139 8.93 -11.47 17.71
C LYS A 139 9.71 -11.83 16.46
N GLU A 140 11.03 -11.59 16.46
CA GLU A 140 11.91 -11.95 15.34
C GLU A 140 12.93 -12.99 15.78
N LEU A 141 12.51 -13.92 16.64
CA LEU A 141 13.38 -15.03 17.02
C LEU A 141 13.87 -15.76 15.79
N PHE A 142 12.97 -16.05 14.85
CA PHE A 142 13.26 -16.87 13.70
C PHE A 142 13.73 -16.05 12.50
N SER A 143 13.97 -14.76 12.67
CA SER A 143 14.49 -13.95 11.57
C SER A 143 15.79 -14.53 11.03
N ALA A 144 16.69 -14.94 11.91
CA ALA A 144 17.95 -15.52 11.46
C ALA A 144 17.72 -16.78 10.66
N CYS A 145 16.88 -17.69 11.19
CA CYS A 145 16.60 -18.93 10.48
C CYS A 145 15.98 -18.65 9.12
N ALA A 146 14.98 -17.77 9.07
CA ALA A 146 14.21 -17.57 7.84
C ALA A 146 15.10 -17.14 6.69
N GLN A 147 16.12 -16.31 6.96
CA GLN A 147 17.00 -15.88 5.88
C GLN A 147 17.80 -17.05 5.31
N SER A 148 18.30 -17.93 6.17
CA SER A 148 18.98 -19.13 5.69
C SER A 148 18.07 -19.96 4.79
N VAL A 149 16.76 -19.95 5.08
CA VAL A 149 15.82 -20.67 4.23
C VAL A 149 15.80 -20.06 2.84
N HIS A 150 15.40 -18.78 2.75
CA HIS A 150 15.38 -18.08 1.46
C HIS A 150 16.69 -18.26 0.71
N GLU A 151 17.81 -18.19 1.42
CA GLU A 151 19.11 -18.38 0.77
C GLU A 151 19.15 -19.70 0.00
N TYR A 152 18.67 -20.78 0.63
CA TYR A 152 18.64 -22.07 -0.05
C TYR A 152 17.72 -22.04 -1.27
N LEU A 153 16.51 -21.50 -1.11
CA LEU A 153 15.55 -21.51 -2.20
C LEU A 153 15.95 -20.52 -3.30
N ARG A 154 16.71 -19.48 -2.95
CA ARG A 154 17.18 -18.53 -3.97
C ARG A 154 18.05 -19.23 -5.01
N GLY A 155 18.80 -20.25 -4.60
CA GLY A 155 19.71 -20.91 -5.51
C GLY A 155 19.10 -22.12 -6.18
N GLU A 156 19.39 -23.30 -5.64
CA GLU A 156 19.07 -24.55 -6.34
C GLU A 156 17.59 -24.65 -6.69
N PRO A 157 16.65 -24.57 -5.75
CA PRO A 157 15.24 -24.77 -6.11
C PRO A 157 14.71 -23.75 -7.09
N PHE A 158 15.18 -22.50 -7.03
CA PHE A 158 14.69 -21.46 -7.91
C PHE A 158 15.04 -21.75 -9.36
N HIS A 159 16.28 -22.21 -9.62
CA HIS A 159 16.66 -22.48 -11.00
C HIS A 159 15.91 -23.67 -11.57
N GLU A 160 15.50 -24.61 -10.72
CA GLU A 160 14.58 -25.65 -11.17
C GLU A 160 13.27 -25.03 -11.64
N TYR A 161 12.63 -24.24 -10.77
CA TYR A 161 11.38 -23.60 -11.11
C TYR A 161 11.48 -22.80 -12.41
N LEU A 162 12.64 -22.18 -12.65
CA LEU A 162 12.81 -21.44 -13.89
C LEU A 162 12.72 -22.35 -15.11
N ASP A 163 13.13 -23.61 -14.97
CA ASP A 163 13.01 -24.60 -16.04
C ASP A 163 11.84 -25.54 -15.81
N SER A 164 10.83 -25.11 -15.05
CA SER A 164 9.66 -25.92 -14.73
C SER A 164 8.44 -25.38 -15.44
N MET A 165 7.41 -26.22 -15.58
CA MET A 165 6.21 -25.81 -16.27
C MET A 165 5.48 -24.68 -15.54
N PHE A 166 5.79 -24.43 -14.27
CA PHE A 166 5.11 -23.36 -13.55
C PHE A 166 5.60 -21.99 -14.01
N PHE A 167 6.90 -21.87 -14.27
CA PHE A 167 7.41 -20.64 -14.85
C PHE A 167 6.81 -20.42 -16.24
N ASP A 168 6.71 -21.49 -17.04
CA ASP A 168 6.00 -21.38 -18.31
C ASP A 168 4.60 -20.83 -18.09
N ARG A 169 3.92 -21.27 -17.02
CA ARG A 169 2.59 -20.76 -16.73
C ARG A 169 2.64 -19.32 -16.23
N PHE A 170 3.66 -18.97 -15.45
CA PHE A 170 3.84 -17.59 -15.05
C PHE A 170 4.00 -16.68 -16.27
N LEU A 171 4.79 -17.12 -17.24
CA LEU A 171 4.96 -16.33 -18.46
C LEU A 171 3.63 -16.08 -19.15
N GLN A 172 2.75 -17.08 -19.16
CA GLN A 172 1.41 -16.86 -19.71
C GLN A 172 0.74 -15.70 -19.00
N TRP A 173 0.62 -15.79 -17.67
CA TRP A 173 -0.06 -14.73 -16.91
C TRP A 173 0.51 -13.35 -17.21
N LYS A 174 1.83 -13.25 -17.43
CA LYS A 174 2.42 -11.98 -17.82
C LYS A 174 1.86 -11.51 -19.16
N TRP A 175 1.82 -12.42 -20.14
CA TRP A 175 1.27 -12.08 -21.45
C TRP A 175 -0.10 -11.42 -21.33
N LEU A 176 -0.97 -11.97 -20.48
CA LEU A 176 -2.27 -11.33 -20.26
C LEU A 176 -2.09 -9.96 -19.63
N GLU A 177 -1.25 -9.87 -18.59
CA GLU A 177 -1.03 -8.61 -17.89
C GLU A 177 -0.71 -7.48 -18.87
N ARG A 178 0.04 -7.78 -19.93
CA ARG A 178 0.52 -6.75 -20.83
C ARG A 178 -0.44 -6.42 -21.96
N GLN A 179 -1.54 -7.15 -22.10
CA GLN A 179 -2.50 -6.86 -23.16
C GLN A 179 -2.96 -5.41 -23.07
N PRO A 180 -3.30 -4.79 -24.20
CA PRO A 180 -3.68 -3.38 -24.18
C PRO A 180 -4.99 -3.16 -23.42
N VAL A 181 -5.05 -2.04 -22.71
CA VAL A 181 -6.24 -1.64 -21.95
C VAL A 181 -6.89 -0.47 -22.69
N THR A 182 -8.21 -0.54 -22.86
CA THR A 182 -8.93 0.47 -23.61
C THR A 182 -10.17 0.88 -22.81
N LYS A 183 -11.10 1.56 -23.48
CA LYS A 183 -12.38 1.91 -22.87
C LYS A 183 -13.26 0.68 -22.69
N ASN A 184 -13.11 -0.32 -23.57
CA ASN A 184 -13.92 -1.53 -23.48
C ASN A 184 -13.55 -2.37 -22.27
N THR A 185 -12.31 -2.26 -21.79
CA THR A 185 -11.90 -3.01 -20.61
C THR A 185 -12.81 -2.71 -19.43
N PHE A 186 -13.25 -1.45 -19.29
CA PHE A 186 -13.96 -0.98 -18.13
C PHE A 186 -15.44 -0.73 -18.46
N ARG A 187 -16.19 -0.32 -17.43
CA ARG A 187 -17.63 -0.18 -17.53
C ARG A 187 -18.04 0.95 -16.59
N GLN A 188 -18.30 2.12 -17.14
CA GLN A 188 -18.67 3.27 -16.33
C GLN A 188 -20.05 3.07 -15.72
N TYR A 189 -20.15 3.32 -14.41
CA TYR A 189 -21.40 3.15 -13.67
C TYR A 189 -22.03 4.49 -13.32
N ARG A 190 -21.43 5.25 -12.41
CA ARG A 190 -22.06 6.46 -11.91
C ARG A 190 -20.97 7.44 -11.49
N VAL A 191 -21.40 8.68 -11.27
CA VAL A 191 -20.50 9.75 -10.83
C VAL A 191 -20.46 9.68 -9.31
N LEU A 192 -19.54 8.87 -8.79
CA LEU A 192 -19.35 8.74 -7.34
C LEU A 192 -18.15 9.60 -6.91
N GLY A 193 -18.38 10.91 -6.90
CA GLY A 193 -17.33 11.86 -6.63
C GLY A 193 -17.16 12.84 -7.76
N LYS A 194 -16.51 13.97 -7.50
CA LYS A 194 -16.40 15.04 -8.49
C LYS A 194 -15.56 16.16 -7.90
N GLY A 195 -14.99 16.98 -8.78
CA GLY A 195 -14.20 18.12 -8.36
C GLY A 195 -12.82 18.16 -8.99
N GLY A 196 -12.18 19.32 -8.97
CA GLY A 196 -10.86 19.46 -9.55
C GLY A 196 -10.92 19.66 -11.06
N PHE A 197 -9.88 19.21 -11.73
CA PHE A 197 -9.82 19.24 -13.20
C PHE A 197 -10.33 17.93 -13.79
N GLY A 198 -11.46 17.46 -13.29
CA GLY A 198 -12.04 16.22 -13.75
C GLY A 198 -13.10 15.73 -12.78
N GLU A 199 -13.50 14.49 -13.00
CA GLU A 199 -14.52 13.82 -12.18
C GLU A 199 -13.92 12.61 -11.49
N VAL A 200 -14.77 11.89 -10.74
CA VAL A 200 -14.39 10.63 -10.12
C VAL A 200 -15.53 9.65 -10.33
N CYS A 201 -15.45 8.84 -11.39
CA CYS A 201 -16.45 7.83 -11.65
C CYS A 201 -16.14 6.55 -10.87
N ALA A 202 -17.11 5.66 -10.79
CA ALA A 202 -16.96 4.35 -10.14
C ALA A 202 -17.03 3.31 -11.25
N CYS A 203 -15.88 3.01 -11.84
CA CYS A 203 -15.80 2.10 -12.98
C CYS A 203 -15.55 0.67 -12.52
N GLN A 204 -15.88 -0.29 -13.40
CA GLN A 204 -15.70 -1.70 -13.14
C GLN A 204 -15.06 -2.36 -14.34
N VAL A 205 -14.30 -3.43 -14.10
CA VAL A 205 -13.70 -4.21 -15.17
C VAL A 205 -14.70 -5.27 -15.60
N ARG A 206 -15.11 -5.23 -16.88
CA ARG A 206 -16.10 -6.19 -17.36
C ARG A 206 -15.61 -7.62 -17.20
N ALA A 207 -14.29 -7.83 -17.30
CA ALA A 207 -13.76 -9.20 -17.38
C ALA A 207 -13.83 -9.91 -16.04
N THR A 208 -13.43 -9.23 -14.96
CA THR A 208 -13.37 -9.83 -13.65
C THR A 208 -14.41 -9.30 -12.67
N GLY A 209 -15.03 -8.15 -12.96
CA GLY A 209 -16.04 -7.59 -12.08
C GLY A 209 -15.50 -6.84 -10.89
N LYS A 210 -14.21 -6.51 -10.87
CA LYS A 210 -13.62 -5.77 -9.76
C LYS A 210 -13.94 -4.29 -9.89
N MET A 211 -14.32 -3.67 -8.77
CA MET A 211 -14.72 -2.27 -8.75
C MET A 211 -13.54 -1.36 -8.48
N TYR A 212 -13.53 -0.21 -9.15
CA TYR A 212 -12.47 0.78 -9.00
C TYR A 212 -13.11 2.17 -8.98
N ALA A 213 -12.28 3.20 -8.83
CA ALA A 213 -12.70 4.59 -8.94
C ALA A 213 -11.84 5.24 -10.01
N CYS A 214 -12.48 5.72 -11.08
CA CYS A 214 -11.78 6.28 -12.23
C CYS A 214 -11.61 7.79 -12.04
N LYS A 215 -10.37 8.26 -12.11
CA LYS A 215 -10.06 9.69 -12.01
C LYS A 215 -9.90 10.27 -13.41
N ARG A 216 -11.03 10.41 -14.10
CA ARG A 216 -11.05 10.98 -15.43
C ARG A 216 -10.60 12.44 -15.39
N LEU A 217 -9.57 12.75 -16.17
CA LEU A 217 -9.04 14.10 -16.28
C LEU A 217 -9.35 14.67 -17.65
N GLU A 218 -9.89 15.89 -17.67
CA GLU A 218 -10.22 16.54 -18.93
C GLU A 218 -8.96 16.77 -19.75
N LYS A 219 -9.06 16.50 -21.05
CA LYS A 219 -7.91 16.51 -21.95
C LYS A 219 -7.61 17.88 -22.52
N LYS A 220 -8.45 18.88 -22.26
CA LYS A 220 -8.24 20.24 -22.74
C LYS A 220 -7.72 21.17 -21.66
N ARG A 221 -8.29 21.09 -20.46
CA ARG A 221 -7.89 22.00 -19.38
C ARG A 221 -6.44 21.77 -18.98
N ILE A 222 -5.96 20.53 -19.09
CA ILE A 222 -4.54 20.25 -18.84
C ILE A 222 -3.68 20.97 -19.85
N LYS A 223 -4.16 21.14 -21.08
CA LYS A 223 -3.37 21.80 -22.11
C LYS A 223 -3.26 23.29 -21.86
N LYS A 224 -4.37 23.92 -21.47
CA LYS A 224 -4.33 25.34 -21.15
C LYS A 224 -3.56 25.60 -19.86
N ARG A 225 -3.77 24.77 -18.84
CA ARG A 225 -3.02 24.89 -17.60
C ARG A 225 -1.54 24.57 -17.78
N LYS A 226 -1.15 23.99 -18.92
CA LYS A 226 0.24 23.58 -19.17
C LYS A 226 0.81 22.81 -17.97
N GLY A 227 -0.04 22.07 -17.28
CA GLY A 227 0.37 21.30 -16.12
C GLY A 227 0.56 19.83 -16.43
N GLU A 228 0.92 19.53 -17.68
CA GLU A 228 1.17 18.15 -18.08
C GLU A 228 2.13 17.45 -17.12
N SER A 229 3.09 18.20 -16.57
CA SER A 229 4.08 17.60 -15.68
C SER A 229 3.43 17.05 -14.42
N MET A 230 2.68 17.88 -13.69
CA MET A 230 2.07 17.41 -12.46
C MET A 230 1.08 16.28 -12.71
N ALA A 231 0.47 16.25 -13.90
CA ALA A 231 -0.41 15.13 -14.24
C ALA A 231 0.37 13.84 -14.35
N LEU A 232 1.56 13.89 -14.95
CA LEU A 232 2.38 12.69 -15.05
C LEU A 232 3.07 12.35 -13.73
N ASN A 233 3.42 13.37 -12.93
CA ASN A 233 4.03 13.10 -11.63
C ASN A 233 3.07 12.33 -10.73
N GLU A 234 1.82 12.78 -10.64
CA GLU A 234 0.85 12.09 -9.80
C GLU A 234 0.69 10.63 -10.24
N LYS A 235 0.61 10.38 -11.54
CA LYS A 235 0.46 9.02 -12.04
C LYS A 235 1.70 8.20 -11.75
N GLN A 236 2.89 8.80 -11.90
CA GLN A 236 4.11 8.06 -11.63
C GLN A 236 4.25 7.72 -10.15
N ILE A 237 3.94 8.67 -9.27
CA ILE A 237 4.05 8.42 -7.84
C ILE A 237 3.06 7.34 -7.41
N LEU A 238 1.82 7.42 -7.89
CA LEU A 238 0.83 6.40 -7.58
C LEU A 238 1.29 5.03 -8.06
N GLU A 239 1.86 4.97 -9.27
CA GLU A 239 2.31 3.69 -9.82
C GLU A 239 3.45 3.10 -9.00
N LYS A 240 4.36 3.95 -8.52
CA LYS A 240 5.54 3.46 -7.81
C LYS A 240 5.17 2.88 -6.46
N VAL A 241 4.38 3.61 -5.68
CA VAL A 241 4.04 3.22 -4.32
C VAL A 241 2.95 2.16 -4.37
N ASN A 242 3.05 1.15 -3.49
CA ASN A 242 1.99 0.14 -3.35
C ASN A 242 1.81 -0.12 -1.85
N SER A 243 1.10 0.79 -1.19
CA SER A 243 0.84 0.71 0.24
C SER A 243 -0.58 0.25 0.50
N GLN A 244 -0.78 -0.31 1.69
CA GLN A 244 -2.12 -0.63 2.17
C GLN A 244 -2.87 0.61 2.65
N PHE A 245 -2.18 1.73 2.85
CA PHE A 245 -2.76 2.92 3.45
C PHE A 245 -2.70 4.12 2.53
N VAL A 246 -2.46 3.90 1.24
CA VAL A 246 -2.52 4.93 0.21
C VAL A 246 -3.22 4.33 -1.00
N VAL A 247 -4.00 5.17 -1.70
CA VAL A 247 -4.74 4.68 -2.87
C VAL A 247 -3.74 4.19 -3.92
N ASN A 248 -4.02 3.02 -4.49
CA ASN A 248 -3.13 2.41 -5.48
C ASN A 248 -3.66 2.63 -6.89
N LEU A 249 -2.73 2.80 -7.84
CA LEU A 249 -3.04 2.83 -9.25
C LEU A 249 -2.95 1.43 -9.82
N ALA A 250 -3.95 1.04 -10.61
CA ALA A 250 -3.97 -0.25 -11.27
C ALA A 250 -3.96 -0.14 -12.79
N TYR A 251 -4.52 0.92 -13.35
CA TYR A 251 -4.55 1.11 -14.79
C TYR A 251 -4.37 2.58 -15.13
N ALA A 252 -3.72 2.85 -16.27
CA ALA A 252 -3.55 4.20 -16.78
C ALA A 252 -3.76 4.13 -18.30
N TYR A 253 -4.95 4.52 -18.76
CA TYR A 253 -5.30 4.47 -20.16
C TYR A 253 -5.77 5.84 -20.63
N GLU A 254 -5.48 6.15 -21.89
CA GLU A 254 -6.00 7.35 -22.53
C GLU A 254 -7.28 6.99 -23.27
N THR A 255 -8.18 7.97 -23.36
CA THR A 255 -9.42 7.79 -24.11
C THR A 255 -9.71 9.08 -24.86
N LYS A 256 -10.92 9.16 -25.40
CA LYS A 256 -11.30 10.20 -26.36
C LYS A 256 -11.53 11.50 -25.62
N ASP A 257 -10.51 12.36 -25.60
CA ASP A 257 -10.56 13.63 -24.88
C ASP A 257 -10.56 13.40 -23.36
N ALA A 258 -9.70 12.51 -22.93
CA ALA A 258 -9.51 12.29 -21.50
C ALA A 258 -8.35 11.33 -21.23
N LEU A 259 -7.63 11.54 -20.12
CA LEU A 259 -6.62 10.60 -19.62
C LEU A 259 -7.08 10.14 -18.25
N CYS A 260 -7.11 8.82 -18.04
CA CYS A 260 -7.76 8.24 -16.88
C CYS A 260 -6.78 7.52 -15.95
N LEU A 261 -7.04 7.64 -14.65
CA LEU A 261 -6.42 6.83 -13.62
C LEU A 261 -7.50 5.95 -13.00
N VAL A 262 -7.16 4.69 -12.73
CA VAL A 262 -8.08 3.74 -12.10
C VAL A 262 -7.53 3.45 -10.71
N LEU A 263 -8.22 3.97 -9.68
CA LEU A 263 -7.71 3.96 -8.33
C LEU A 263 -8.58 3.10 -7.42
N THR A 264 -8.09 2.89 -6.19
CA THR A 264 -8.82 2.13 -5.20
C THR A 264 -10.13 2.83 -4.86
N ILE A 265 -11.24 2.09 -4.92
CA ILE A 265 -12.53 2.64 -4.56
C ILE A 265 -12.64 2.69 -3.04
N MET A 266 -13.30 3.72 -2.53
CA MET A 266 -13.40 3.95 -1.08
C MET A 266 -14.85 4.33 -0.78
N ASN A 267 -15.61 3.37 -0.23
CA ASN A 267 -17.03 3.59 0.05
C ASN A 267 -17.29 3.64 1.55
N GLY A 268 -16.70 4.61 2.24
CA GLY A 268 -16.90 4.73 3.66
C GLY A 268 -16.81 6.16 4.14
N GLY A 269 -16.90 7.11 3.22
CA GLY A 269 -16.81 8.51 3.56
C GLY A 269 -15.41 8.94 3.93
N ASP A 270 -15.23 10.24 4.13
CA ASP A 270 -13.93 10.79 4.52
C ASP A 270 -13.89 11.05 6.02
N LEU A 271 -12.66 11.21 6.52
CA LEU A 271 -12.46 11.40 7.96
C LEU A 271 -13.06 12.70 8.45
N LYS A 272 -13.11 13.73 7.60
CA LYS A 272 -13.75 14.97 7.98
C LYS A 272 -15.20 14.75 8.35
N PHE A 273 -15.90 13.90 7.59
CA PHE A 273 -17.32 13.66 7.85
C PHE A 273 -17.52 13.00 9.21
N HIS A 274 -16.65 12.06 9.58
CA HIS A 274 -16.83 11.31 10.82
C HIS A 274 -16.41 12.10 12.05
N ILE A 275 -15.67 13.20 11.89
CA ILE A 275 -15.28 14.00 13.06
C ILE A 275 -16.42 14.91 13.49
N TYR A 276 -17.13 15.52 12.54
CA TYR A 276 -18.11 16.56 12.84
C TYR A 276 -19.55 16.14 12.61
N ASN A 277 -19.85 15.49 11.48
CA ASN A 277 -21.23 15.06 11.24
C ASN A 277 -21.58 13.87 12.12
N MET A 278 -20.75 12.84 12.11
CA MET A 278 -20.95 11.65 12.91
C MET A 278 -20.24 11.78 14.25
N GLY A 279 -20.75 11.04 15.24
CA GLY A 279 -20.19 11.10 16.58
C GLY A 279 -20.18 12.50 17.14
N ASN A 280 -19.69 12.65 18.37
CA ASN A 280 -19.53 13.98 18.96
C ASN A 280 -18.53 14.73 18.10
N PRO A 281 -18.38 16.04 18.26
CA PRO A 281 -17.29 16.73 17.56
C PRO A 281 -15.94 16.18 18.02
N GLY A 282 -15.46 15.13 17.36
CA GLY A 282 -14.24 14.45 17.73
C GLY A 282 -14.45 12.98 17.99
N PHE A 283 -13.35 12.31 18.34
CA PHE A 283 -13.37 10.90 18.71
C PHE A 283 -12.73 10.72 20.07
N GLU A 284 -12.90 9.53 20.64
CA GLU A 284 -12.12 9.13 21.81
C GLU A 284 -10.65 8.96 21.43
N GLU A 285 -9.77 9.02 22.44
CA GLU A 285 -8.35 8.93 22.16
C GLU A 285 -8.00 7.58 21.54
N GLU A 286 -8.60 6.50 22.04
CA GLU A 286 -8.29 5.16 21.52
C GLU A 286 -8.72 5.03 20.06
N ARG A 287 -9.83 5.67 19.68
CA ARG A 287 -10.26 5.61 18.29
C ARG A 287 -9.35 6.47 17.41
N ALA A 288 -8.93 7.64 17.92
CA ALA A 288 -8.01 8.48 17.15
C ALA A 288 -6.63 7.83 17.01
N LEU A 289 -6.23 7.04 18.01
CA LEU A 289 -4.96 6.32 17.93
C LEU A 289 -4.94 5.40 16.71
N PHE A 290 -6.01 4.63 16.51
CA PHE A 290 -6.04 3.67 15.40
C PHE A 290 -5.84 4.37 14.07
N TYR A 291 -6.61 5.43 13.81
CA TYR A 291 -6.48 6.14 12.54
C TYR A 291 -5.09 6.77 12.41
N ALA A 292 -4.58 7.37 13.49
CA ALA A 292 -3.27 8.00 13.42
C ALA A 292 -2.19 6.99 13.08
N ALA A 293 -2.30 5.78 13.63
CA ALA A 293 -1.31 4.74 13.33
C ALA A 293 -1.32 4.37 11.86
N GLU A 294 -2.50 4.08 11.31
CA GLU A 294 -2.59 3.72 9.90
C GLU A 294 -2.08 4.85 9.02
N ILE A 295 -2.45 6.10 9.34
CA ILE A 295 -1.98 7.22 8.55
C ILE A 295 -0.47 7.34 8.63
N LEU A 296 0.10 7.09 9.82
CA LEU A 296 1.55 7.14 9.95
C LEU A 296 2.22 6.09 9.07
N CYS A 297 1.58 4.93 8.91
CA CYS A 297 2.13 3.92 8.01
C CYS A 297 2.05 4.38 6.55
N GLY A 298 0.92 4.97 6.16
CA GLY A 298 0.84 5.53 4.82
C GLY A 298 1.95 6.50 4.52
N LEU A 299 2.19 7.44 5.44
CA LEU A 299 3.25 8.42 5.23
C LEU A 299 4.62 7.74 5.14
N GLU A 300 4.84 6.69 5.94
CA GLU A 300 6.11 5.98 5.89
C GLU A 300 6.30 5.34 4.52
N ASP A 301 5.26 4.71 3.98
CA ASP A 301 5.37 4.07 2.66
C ASP A 301 5.68 5.10 1.57
N LEU A 302 5.23 6.35 1.74
CA LEU A 302 5.57 7.39 0.78
C LEU A 302 6.99 7.89 0.96
N HIS A 303 7.43 8.03 2.22
CA HIS A 303 8.74 8.61 2.48
C HIS A 303 9.88 7.69 2.03
N ARG A 304 9.66 6.38 2.00
CA ARG A 304 10.67 5.49 1.48
C ARG A 304 11.09 5.90 0.07
N GLU A 305 10.16 6.48 -0.69
CA GLU A 305 10.43 6.98 -2.03
C GLU A 305 10.77 8.47 -2.02
N ASN A 306 11.20 9.00 -0.89
CA ASN A 306 11.52 10.42 -0.74
C ASN A 306 10.46 11.28 -1.42
N THR A 307 9.21 10.92 -1.19
CA THR A 307 8.06 11.61 -1.79
C THR A 307 7.26 12.26 -0.67
N VAL A 308 7.04 13.57 -0.76
CA VAL A 308 6.32 14.33 0.26
C VAL A 308 4.90 14.57 -0.22
N TYR A 309 3.93 14.46 0.72
CA TYR A 309 2.52 14.51 0.38
C TYR A 309 2.01 15.94 0.31
N ARG A 310 2.16 16.69 1.39
CA ARG A 310 1.89 18.13 1.47
C ARG A 310 0.41 18.48 1.45
N ASN A 311 -0.48 17.51 1.63
CA ASN A 311 -1.91 17.78 1.50
C ASN A 311 -2.70 17.06 2.59
N LEU A 312 -2.13 16.88 3.76
CA LEU A 312 -2.80 16.18 4.85
C LEU A 312 -3.92 17.05 5.41
N LYS A 313 -5.15 16.58 5.27
CA LYS A 313 -6.33 17.22 5.84
C LYS A 313 -7.41 16.17 5.99
N PRO A 314 -8.37 16.37 6.90
CA PRO A 314 -9.30 15.26 7.23
C PRO A 314 -10.09 14.74 6.04
N GLU A 315 -10.49 15.62 5.11
CA GLU A 315 -11.31 15.18 3.99
C GLU A 315 -10.51 14.40 2.94
N ASN A 316 -9.20 14.26 3.08
CA ASN A 316 -8.41 13.43 2.18
C ASN A 316 -8.13 12.05 2.75
N ILE A 317 -8.33 11.85 4.05
CA ILE A 317 -8.24 10.52 4.66
C ILE A 317 -9.59 9.84 4.43
N LEU A 318 -9.62 8.83 3.57
CA LEU A 318 -10.86 8.15 3.24
C LEU A 318 -10.94 6.80 3.96
N LEU A 319 -12.17 6.33 4.13
CA LEU A 319 -12.44 5.04 4.75
C LEU A 319 -13.02 4.08 3.71
N ASP A 320 -12.69 2.79 3.86
CA ASP A 320 -13.17 1.77 2.95
C ASP A 320 -14.37 1.05 3.57
N ASP A 321 -14.75 -0.09 2.97
CA ASP A 321 -15.93 -0.81 3.41
C ASP A 321 -15.71 -1.50 4.75
N TYR A 322 -14.46 -1.75 5.14
CA TYR A 322 -14.15 -2.50 6.36
C TYR A 322 -13.84 -1.61 7.55
N GLY A 323 -13.56 -0.33 7.33
CA GLY A 323 -13.20 0.57 8.39
C GLY A 323 -11.76 1.06 8.40
N HIS A 324 -10.99 0.72 7.39
CA HIS A 324 -9.60 1.16 7.30
C HIS A 324 -9.48 2.38 6.41
N ILE A 325 -8.32 3.04 6.49
CA ILE A 325 -8.12 4.33 5.86
C ILE A 325 -7.18 4.18 4.66
N ARG A 326 -7.17 5.23 3.83
CA ARG A 326 -6.16 5.40 2.80
C ARG A 326 -6.04 6.90 2.52
N ILE A 327 -4.82 7.35 2.24
CA ILE A 327 -4.58 8.72 1.80
C ILE A 327 -4.95 8.84 0.33
N SER A 328 -5.57 9.96 -0.05
CA SER A 328 -6.28 10.02 -1.33
C SER A 328 -5.70 11.00 -2.34
N ASP A 329 -5.65 12.29 -2.03
CA ASP A 329 -5.34 13.29 -3.05
C ASP A 329 -3.84 13.54 -3.07
N LEU A 330 -3.15 12.95 -4.05
CA LEU A 330 -1.71 13.12 -4.21
C LEU A 330 -1.36 14.19 -5.24
N GLY A 331 -2.35 14.97 -5.70
CA GLY A 331 -2.10 15.98 -6.70
C GLY A 331 -1.08 17.03 -6.29
N LEU A 332 -0.83 17.17 -5.00
CA LEU A 332 0.17 18.11 -4.50
C LEU A 332 1.45 17.42 -4.05
N ALA A 333 1.66 16.18 -4.44
CA ALA A 333 2.84 15.43 -4.04
C ALA A 333 3.95 15.60 -5.07
N VAL A 334 5.20 15.41 -4.60
CA VAL A 334 6.37 15.49 -5.47
C VAL A 334 7.42 14.53 -4.94
N LYS A 335 8.20 13.94 -5.85
CA LYS A 335 9.26 13.02 -5.50
C LYS A 335 10.57 13.80 -5.35
N ILE A 336 11.00 14.00 -4.12
CA ILE A 336 12.21 14.80 -3.86
C ILE A 336 13.43 14.04 -4.38
N PRO A 337 14.33 14.68 -5.13
CA PRO A 337 15.63 14.05 -5.41
C PRO A 337 16.44 13.94 -4.12
N GLU A 338 16.93 12.74 -3.84
CA GLU A 338 17.69 12.49 -2.62
C GLU A 338 18.82 13.50 -2.45
N GLY A 339 18.90 14.09 -1.26
CA GLY A 339 19.91 15.07 -0.95
C GLY A 339 19.55 16.50 -1.28
N ASP A 340 18.46 16.74 -1.99
CA ASP A 340 18.03 18.06 -2.39
C ASP A 340 16.72 18.41 -1.69
N LEU A 341 16.35 19.68 -1.80
CA LEU A 341 15.13 20.21 -1.19
C LEU A 341 14.25 20.86 -2.26
N ILE A 342 13.06 21.29 -1.84
CA ILE A 342 12.06 21.88 -2.73
C ILE A 342 11.53 23.16 -2.08
N ARG A 343 10.77 23.93 -2.86
CA ARG A 343 10.39 25.28 -2.45
C ARG A 343 8.90 25.58 -2.50
N GLY A 344 8.08 24.71 -3.07
CA GLY A 344 6.70 25.02 -3.28
C GLY A 344 5.92 25.49 -2.08
N ARG A 345 5.20 26.60 -2.22
CA ARG A 345 4.32 27.13 -1.17
C ARG A 345 2.89 26.81 -1.58
N VAL A 346 2.48 25.56 -1.34
CA VAL A 346 1.17 25.07 -1.76
C VAL A 346 0.47 24.44 -0.56
N GLY A 347 -0.75 23.98 -0.79
CA GLY A 347 -1.53 23.34 0.25
C GLY A 347 -2.86 24.01 0.53
N THR A 348 -3.38 23.83 1.74
CA THR A 348 -4.65 24.42 2.15
C THR A 348 -4.45 25.27 3.39
N VAL A 349 -5.07 26.46 3.38
CA VAL A 349 -4.95 27.37 4.51
C VAL A 349 -5.36 26.65 5.78
N GLY A 350 -4.49 26.70 6.78
CA GLY A 350 -4.72 26.05 8.06
C GLY A 350 -3.97 24.74 8.23
N TYR A 351 -3.58 24.09 7.14
CA TYR A 351 -2.84 22.83 7.20
C TYR A 351 -1.47 22.96 6.55
N MET A 352 -0.94 24.18 6.51
CA MET A 352 0.39 24.44 5.96
C MET A 352 1.40 24.53 7.10
N ALA A 353 2.47 23.74 7.01
CA ALA A 353 3.53 23.82 7.99
C ALA A 353 4.19 25.21 7.93
N PRO A 354 4.74 25.69 9.05
CA PRO A 354 5.32 27.04 9.03
C PRO A 354 6.41 27.23 7.98
N GLU A 355 7.25 26.21 7.75
CA GLU A 355 8.30 26.36 6.75
C GLU A 355 7.75 26.46 5.33
N VAL A 356 6.53 25.96 5.10
CA VAL A 356 5.89 26.12 3.81
C VAL A 356 5.32 27.53 3.67
N LEU A 357 4.71 28.05 4.73
CA LEU A 357 4.19 29.41 4.69
C LEU A 357 5.32 30.40 4.43
N ASN A 358 6.44 30.25 5.13
CA ASN A 358 7.59 31.13 4.95
C ASN A 358 8.25 30.98 3.58
N ASN A 359 7.78 30.07 2.76
CA ASN A 359 8.34 29.85 1.42
C ASN A 359 9.83 29.54 1.51
N GLN A 360 10.16 28.55 2.34
CA GLN A 360 11.52 28.11 2.54
C GLN A 360 11.73 26.77 1.84
N ARG A 361 12.97 26.31 1.85
CA ARG A 361 13.28 24.96 1.38
C ARG A 361 13.00 23.96 2.48
N TYR A 362 12.35 22.85 2.10
CA TYR A 362 11.97 21.83 3.07
C TYR A 362 12.08 20.46 2.43
N GLY A 363 11.93 19.43 3.26
CA GLY A 363 11.95 18.07 2.78
C GLY A 363 10.63 17.36 3.02
N LEU A 364 10.65 16.33 3.87
CA LEU A 364 9.45 15.59 4.24
C LEU A 364 8.76 16.16 5.48
N SER A 365 9.34 17.19 6.10
CA SER A 365 8.84 17.63 7.39
C SER A 365 7.40 18.13 7.37
N PRO A 366 6.89 18.77 6.32
CA PRO A 366 5.49 19.22 6.35
C PRO A 366 4.49 18.12 6.67
N ASP A 367 4.77 16.88 6.25
CA ASP A 367 3.85 15.79 6.50
C ASP A 367 3.73 15.46 7.99
N TYR A 368 4.80 15.66 8.76
CA TYR A 368 4.73 15.40 10.20
C TYR A 368 3.99 16.52 10.92
N TRP A 369 4.16 17.76 10.46
CA TRP A 369 3.29 18.83 10.93
C TRP A 369 1.83 18.51 10.64
N GLY A 370 1.56 18.03 9.42
CA GLY A 370 0.20 17.67 9.06
C GLY A 370 -0.35 16.58 9.95
N LEU A 371 0.46 15.55 10.24
CA LEU A 371 0.00 14.48 11.11
C LEU A 371 -0.42 15.03 12.47
N GLY A 372 0.36 15.95 13.02
CA GLY A 372 -0.01 16.55 14.30
C GLY A 372 -1.34 17.27 14.25
N CYS A 373 -1.63 17.95 13.13
CA CYS A 373 -2.92 18.61 13.00
C CYS A 373 -4.06 17.60 13.04
N LEU A 374 -3.87 16.43 12.42
CA LEU A 374 -4.92 15.43 12.37
C LEU A 374 -5.16 14.79 13.74
N ILE A 375 -4.08 14.47 14.45
CA ILE A 375 -4.24 13.85 15.78
C ILE A 375 -4.93 14.83 16.73
N TYR A 376 -4.49 16.09 16.73
CA TYR A 376 -5.13 17.10 17.55
C TYR A 376 -6.62 17.21 17.21
N GLU A 377 -6.92 17.33 15.91
CA GLU A 377 -8.30 17.62 15.49
C GLU A 377 -9.23 16.44 15.74
N MET A 378 -8.73 15.21 15.64
CA MET A 378 -9.56 14.04 15.94
C MET A 378 -9.95 14.03 17.41
N ILE A 379 -9.04 14.42 18.30
CA ILE A 379 -9.28 14.30 19.73
C ILE A 379 -10.09 15.49 20.25
N GLU A 380 -9.76 16.70 19.81
CA GLU A 380 -10.33 17.92 20.36
C GLU A 380 -11.50 18.45 19.53
N GLY A 381 -11.82 17.81 18.41
CA GLY A 381 -12.96 18.22 17.62
C GLY A 381 -12.84 19.56 16.95
N GLN A 382 -11.64 20.11 16.87
CA GLN A 382 -11.44 21.39 16.18
C GLN A 382 -9.96 21.55 15.85
N SER A 383 -9.70 22.45 14.91
CA SER A 383 -8.32 22.72 14.48
C SER A 383 -7.53 23.36 15.61
N PRO A 384 -6.22 23.06 15.70
CA PRO A 384 -5.42 23.64 16.79
C PRO A 384 -5.21 25.14 16.66
N PHE A 385 -5.43 25.74 15.48
CA PHE A 385 -5.23 27.18 15.29
C PHE A 385 -6.50 27.87 14.80
N ARG A 386 -7.64 27.20 14.81
CA ARG A 386 -8.91 27.79 14.43
C ARG A 386 -10.01 27.14 15.26
N GLY A 387 -10.81 27.96 15.94
CA GLY A 387 -11.97 27.43 16.62
C GLY A 387 -13.05 27.01 15.64
N ARG A 388 -13.63 25.84 15.89
CA ARG A 388 -14.74 25.37 15.07
C ARG A 388 -15.83 26.43 14.98
N LYS A 389 -16.03 27.21 16.04
CA LYS A 389 -16.99 28.30 16.05
C LYS A 389 -16.26 29.63 16.18
N GLU A 390 -15.35 29.90 15.24
CA GLU A 390 -14.59 31.14 15.22
C GLU A 390 -14.42 31.61 13.79
N LYS A 391 -14.67 32.89 13.55
CA LYS A 391 -14.63 33.49 12.22
C LYS A 391 -13.42 34.41 12.15
N VAL A 392 -12.41 34.00 11.38
CA VAL A 392 -11.15 34.73 11.31
C VAL A 392 -10.64 34.72 9.87
N LYS A 393 -10.07 35.86 9.45
CA LYS A 393 -9.49 35.96 8.12
C LYS A 393 -8.21 35.12 8.04
N ARG A 394 -7.85 34.73 6.81
CA ARG A 394 -6.76 33.78 6.62
C ARG A 394 -5.45 34.31 7.18
N GLU A 395 -5.26 35.63 7.18
CA GLU A 395 -3.98 36.19 7.61
C GLU A 395 -3.74 35.94 9.09
N GLU A 396 -4.77 36.08 9.92
CA GLU A 396 -4.61 35.82 11.35
C GLU A 396 -4.44 34.33 11.63
N VAL A 397 -5.03 33.47 10.80
CA VAL A 397 -4.83 32.03 10.98
C VAL A 397 -3.36 31.68 10.81
N ASP A 398 -2.71 32.30 9.81
CA ASP A 398 -1.30 32.02 9.56
C ASP A 398 -0.44 32.50 10.72
N ARG A 399 -0.61 33.76 11.14
CA ARG A 399 0.20 34.30 12.23
C ARG A 399 0.17 33.40 13.45
N ARG A 400 -0.99 32.80 13.74
CA ARG A 400 -1.08 31.90 14.89
C ARG A 400 -0.18 30.68 14.70
N VAL A 401 -0.08 30.18 13.48
CA VAL A 401 0.80 29.04 13.22
C VAL A 401 2.26 29.42 13.47
N LEU A 402 2.63 30.66 13.14
CA LEU A 402 4.02 31.06 13.22
C LEU A 402 4.41 31.53 14.62
N GLU A 403 3.46 32.06 15.39
CA GLU A 403 3.72 32.60 16.72
C GLU A 403 3.09 31.70 17.79
N THR A 404 1.77 31.72 17.92
CA THR A 404 1.09 31.24 19.11
C THR A 404 1.38 29.77 19.39
N GLU A 405 1.22 29.40 20.66
CA GLU A 405 1.43 28.02 21.13
C GLU A 405 0.06 27.40 21.42
N GLU A 406 -0.24 26.30 20.74
CA GLU A 406 -1.54 25.66 20.88
C GLU A 406 -1.77 25.23 22.33
N VAL A 407 -3.04 25.05 22.67
CA VAL A 407 -3.45 24.66 24.02
C VAL A 407 -4.19 23.33 23.94
N TYR A 408 -4.13 22.58 25.03
CA TYR A 408 -4.74 21.26 25.12
C TYR A 408 -5.79 21.26 26.23
N SER A 409 -6.46 20.11 26.36
CA SER A 409 -7.54 19.94 27.32
C SER A 409 -7.46 18.56 27.93
N HIS A 410 -8.39 18.27 28.84
CA HIS A 410 -8.45 16.98 29.51
C HIS A 410 -8.82 15.83 28.58
N LYS A 411 -9.17 16.12 27.33
CA LYS A 411 -9.37 15.04 26.37
C LYS A 411 -8.06 14.33 26.06
N PHE A 412 -6.93 15.03 26.21
CA PHE A 412 -5.63 14.46 25.89
C PHE A 412 -5.00 13.87 27.14
N SER A 413 -4.53 12.63 27.02
CA SER A 413 -3.61 12.08 28.01
C SER A 413 -2.27 12.81 27.91
N GLU A 414 -1.45 12.65 28.94
CA GLU A 414 -0.10 13.20 28.90
C GLU A 414 0.65 12.75 27.64
N GLU A 415 0.49 11.48 27.27
CA GLU A 415 1.14 10.98 26.05
C GLU A 415 0.56 11.65 24.82
N ALA A 416 -0.75 11.91 24.81
CA ALA A 416 -1.37 12.53 23.65
C ALA A 416 -0.88 13.97 23.46
N LYS A 417 -0.90 14.77 24.53
CA LYS A 417 -0.30 16.10 24.48
C LYS A 417 1.11 16.03 23.91
N SER A 418 1.96 15.22 24.55
CA SER A 418 3.36 15.11 24.16
C SER A 418 3.53 15.01 22.65
N ILE A 419 2.95 13.98 22.04
CA ILE A 419 3.21 13.72 20.63
C ILE A 419 2.69 14.87 19.77
N CYS A 420 1.58 15.48 20.17
CA CYS A 420 1.02 16.57 19.37
C CYS A 420 1.98 17.75 19.32
N LYS A 421 2.33 18.32 20.48
CA LYS A 421 3.23 19.46 20.50
C LYS A 421 4.61 19.09 19.95
N MET A 422 4.97 17.80 19.97
CA MET A 422 6.22 17.38 19.33
C MET A 422 6.12 17.43 17.82
N LEU A 423 5.00 16.94 17.26
CA LEU A 423 4.79 17.01 15.82
C LEU A 423 4.40 18.41 15.36
N LEU A 424 3.92 19.26 16.26
CA LEU A 424 3.57 20.63 15.94
C LEU A 424 4.68 21.61 16.33
N THR A 425 5.92 21.14 16.34
CA THR A 425 7.06 22.01 16.64
C THR A 425 7.30 22.96 15.47
N LYS A 426 7.29 24.26 15.76
CA LYS A 426 7.49 25.25 14.71
C LYS A 426 8.79 25.01 13.95
N ASP A 427 9.89 24.83 14.68
CA ASP A 427 11.20 24.63 14.06
C ASP A 427 11.28 23.23 13.46
N ALA A 428 11.29 23.15 12.12
CA ALA A 428 11.19 21.87 11.45
C ALA A 428 12.34 20.92 11.76
N LYS A 429 13.41 21.39 12.39
CA LYS A 429 14.53 20.51 12.70
C LYS A 429 14.37 19.78 14.02
N GLN A 430 13.68 20.37 14.99
CA GLN A 430 13.36 19.71 16.24
C GLN A 430 12.06 18.93 16.19
N ARG A 431 11.40 18.90 15.04
CA ARG A 431 10.10 18.25 14.93
C ARG A 431 10.26 16.74 14.87
N LEU A 432 9.39 16.05 15.62
CA LEU A 432 9.45 14.59 15.65
C LEU A 432 9.22 14.02 14.27
N GLY A 433 10.08 13.08 13.87
CA GLY A 433 10.00 12.42 12.61
C GLY A 433 10.87 13.01 11.53
N CYS A 434 11.28 14.26 11.69
CA CYS A 434 12.09 14.96 10.71
C CYS A 434 13.58 14.81 10.96
N GLN A 435 13.99 13.69 11.56
CA GLN A 435 15.38 13.37 11.81
C GLN A 435 15.82 12.29 10.82
N GLU A 436 16.97 11.67 11.11
CA GLU A 436 17.47 10.59 10.27
C GLU A 436 16.74 9.28 10.53
N GLU A 437 16.04 9.16 11.66
CA GLU A 437 15.33 7.93 11.98
C GLU A 437 14.09 7.76 11.13
N GLY A 438 13.31 8.84 10.97
CA GLY A 438 12.11 8.80 10.17
C GLY A 438 10.88 8.39 10.95
N ALA A 439 9.99 7.62 10.29
CA ALA A 439 8.76 7.20 10.92
C ALA A 439 8.99 6.30 12.13
N ALA A 440 10.18 5.67 12.22
CA ALA A 440 10.47 4.82 13.36
C ALA A 440 10.47 5.61 14.66
N GLU A 441 10.98 6.84 14.62
CA GLU A 441 10.98 7.69 15.81
C GLU A 441 9.57 8.02 16.28
N VAL A 442 8.59 7.99 15.38
CA VAL A 442 7.22 8.29 15.77
C VAL A 442 6.56 7.05 16.38
N LYS A 443 6.77 5.88 15.77
CA LYS A 443 6.21 4.65 16.32
C LYS A 443 6.70 4.39 17.73
N ARG A 444 7.91 4.85 18.06
CA ARG A 444 8.44 4.65 19.40
C ARG A 444 7.78 5.54 20.45
N HIS A 445 7.08 6.59 20.02
CA HIS A 445 6.59 7.58 20.97
C HIS A 445 5.60 6.93 21.94
N PRO A 446 5.65 7.29 23.23
CA PRO A 446 4.76 6.65 24.21
C PRO A 446 3.28 6.77 23.89
N PHE A 447 2.88 7.59 22.91
CA PHE A 447 1.48 7.65 22.53
C PHE A 447 1.02 6.39 21.82
N PHE A 448 1.93 5.63 21.22
CA PHE A 448 1.64 4.35 20.60
C PHE A 448 2.07 3.18 21.48
N ARG A 449 2.27 3.43 22.78
CA ARG A 449 2.78 2.39 23.67
C ARG A 449 1.92 1.13 23.68
N ASN A 450 0.63 1.27 23.39
CA ASN A 450 -0.29 0.13 23.35
C ASN A 450 -0.58 -0.34 21.93
N MET A 451 0.08 0.22 20.93
CA MET A 451 -0.14 -0.14 19.53
C MET A 451 0.87 -1.17 19.07
N ASN A 452 0.36 -2.30 18.55
CA ASN A 452 1.20 -3.34 17.96
C ASN A 452 1.21 -3.09 16.45
N PHE A 453 2.18 -2.30 15.98
CA PHE A 453 2.22 -1.97 14.55
C PHE A 453 2.34 -3.22 13.70
N LYS A 454 3.07 -4.23 14.18
CA LYS A 454 3.26 -5.45 13.40
C LYS A 454 1.92 -6.10 13.08
N ARG A 455 0.99 -6.12 14.04
CA ARG A 455 -0.33 -6.67 13.78
C ARG A 455 -1.21 -5.71 13.00
N LEU A 456 -0.93 -4.41 13.07
CA LEU A 456 -1.71 -3.43 12.31
C LEU A 456 -1.40 -3.53 10.82
N GLU A 457 -0.12 -3.67 10.47
CA GLU A 457 0.25 -3.78 9.05
C GLU A 457 -0.31 -5.06 8.44
N ALA A 458 -0.45 -6.11 9.23
CA ALA A 458 -1.05 -7.35 8.76
C ALA A 458 -2.58 -7.31 8.76
N GLY A 459 -3.19 -6.22 9.20
CA GLY A 459 -4.63 -6.10 9.19
C GLY A 459 -5.33 -6.99 10.19
N MET A 460 -4.74 -7.17 11.38
CA MET A 460 -5.32 -8.02 12.41
C MET A 460 -6.01 -7.26 13.52
N LEU A 461 -5.91 -5.93 13.53
CA LEU A 461 -6.59 -5.11 14.53
C LEU A 461 -7.91 -4.63 13.97
N ASP A 462 -8.99 -4.87 14.71
CA ASP A 462 -10.33 -4.54 14.25
C ASP A 462 -10.50 -3.02 14.18
N PRO A 463 -10.85 -2.45 13.04
CA PRO A 463 -11.15 -1.01 13.00
C PRO A 463 -12.26 -0.66 13.98
N PRO A 464 -12.28 0.57 14.47
CA PRO A 464 -13.25 0.93 15.51
C PRO A 464 -14.63 1.30 15.00
N PHE A 465 -14.77 1.63 13.72
CA PHE A 465 -16.06 1.96 13.13
C PHE A 465 -16.19 1.23 11.80
N VAL A 466 -17.28 0.50 11.63
CA VAL A 466 -17.50 -0.32 10.43
C VAL A 466 -18.62 0.33 9.62
N PRO A 467 -18.32 1.00 8.51
CA PRO A 467 -19.39 1.65 7.73
C PRO A 467 -20.39 0.63 7.18
N ASP A 468 -21.67 0.99 7.27
CA ASP A 468 -22.72 0.12 6.74
C ASP A 468 -22.70 0.16 5.21
N PRO A 469 -22.80 -0.99 4.54
CA PRO A 469 -22.66 -1.00 3.07
C PRO A 469 -23.79 -0.28 2.35
N ARG A 470 -24.97 -0.17 2.95
CA ARG A 470 -26.09 0.52 2.33
C ARG A 470 -26.06 2.02 2.57
N ALA A 471 -25.07 2.53 3.29
CA ALA A 471 -25.01 3.93 3.66
C ALA A 471 -24.46 4.77 2.51
N VAL A 472 -24.69 6.09 2.61
CA VAL A 472 -24.21 7.06 1.64
C VAL A 472 -23.55 8.18 2.43
N TYR A 473 -22.22 8.18 2.46
CA TYR A 473 -21.45 9.15 3.24
C TYR A 473 -21.18 10.38 2.37
N CYS A 474 -22.18 11.25 2.30
CA CYS A 474 -22.09 12.46 1.49
C CYS A 474 -21.53 13.62 2.32
N LEU A 491 -4.98 20.49 -31.32
CA LEU A 491 -4.27 19.28 -31.72
C LEU A 491 -2.82 19.61 -32.05
N ASP A 492 -1.90 19.06 -31.26
CA ASP A 492 -0.47 19.20 -31.47
C ASP A 492 0.17 17.82 -31.58
N HIS A 493 1.48 17.81 -31.82
CA HIS A 493 2.26 16.58 -31.81
C HIS A 493 3.27 16.52 -30.68
N THR A 494 3.63 17.66 -30.09
CA THR A 494 4.46 17.64 -28.88
C THR A 494 3.77 16.87 -27.76
N ASP A 495 2.43 16.87 -27.77
CA ASP A 495 1.66 16.15 -26.75
C ASP A 495 1.59 14.67 -27.04
N ASP A 496 1.53 14.28 -28.31
CA ASP A 496 1.53 12.86 -28.67
C ASP A 496 2.61 12.11 -27.91
N ASP A 497 3.75 12.75 -27.66
CA ASP A 497 4.81 12.13 -26.87
C ASP A 497 4.41 12.04 -25.40
N PHE A 498 3.88 13.13 -24.85
CA PHE A 498 3.46 13.12 -23.45
C PHE A 498 2.38 12.07 -23.21
N TYR A 499 1.47 11.90 -24.16
CA TYR A 499 0.41 10.91 -24.02
C TYR A 499 0.98 9.51 -23.86
N SER A 500 1.95 9.16 -24.70
CA SER A 500 2.48 7.80 -24.71
C SER A 500 3.11 7.45 -23.37
N LYS A 501 3.87 8.39 -22.79
CA LYS A 501 4.51 8.12 -21.50
C LYS A 501 3.49 7.95 -20.39
N PHE A 502 2.30 8.53 -20.54
CA PHE A 502 1.28 8.45 -19.49
C PHE A 502 0.49 7.15 -19.59
N SER A 503 -0.19 6.93 -20.71
CA SER A 503 -1.00 5.74 -20.90
C SER A 503 -0.10 4.51 -21.00
N THR A 504 0.47 4.09 -19.87
CA THR A 504 1.37 2.95 -19.84
C THR A 504 0.65 1.61 -19.71
N GLY A 505 -0.62 1.63 -19.34
CA GLY A 505 -1.37 0.41 -19.20
C GLY A 505 -1.48 -0.06 -17.75
N SER A 506 -1.75 -1.35 -17.61
CA SER A 506 -1.97 -1.93 -16.30
C SER A 506 -0.70 -1.89 -15.46
N VAL A 507 -0.88 -1.88 -14.14
CA VAL A 507 0.22 -1.92 -13.18
C VAL A 507 0.36 -3.36 -12.70
N SER A 508 1.60 -3.84 -12.65
CA SER A 508 1.87 -5.26 -12.44
C SER A 508 1.28 -5.79 -11.14
N ILE A 509 1.75 -5.28 -10.00
CA ILE A 509 1.32 -5.86 -8.72
C ILE A 509 -0.18 -5.70 -8.52
N PRO A 510 -0.80 -4.53 -8.72
CA PRO A 510 -2.26 -4.45 -8.52
C PRO A 510 -3.04 -5.36 -9.43
N TRP A 511 -2.60 -5.49 -10.69
CA TRP A 511 -3.30 -6.34 -11.65
C TRP A 511 -3.35 -7.79 -11.17
N GLN A 512 -2.21 -8.33 -10.75
CA GLN A 512 -2.16 -9.72 -10.32
C GLN A 512 -3.03 -9.96 -9.09
N ASN A 513 -3.01 -9.01 -8.15
CA ASN A 513 -3.88 -9.12 -6.98
C ASN A 513 -5.35 -9.19 -7.39
N GLU A 514 -5.76 -8.38 -8.37
CA GLU A 514 -7.12 -8.45 -8.88
C GLU A 514 -7.46 -9.86 -9.34
N MET A 515 -6.59 -10.46 -10.15
CA MET A 515 -6.84 -11.81 -10.65
C MET A 515 -7.02 -12.80 -9.51
N ILE A 516 -6.34 -12.58 -8.38
CA ILE A 516 -6.46 -13.48 -7.24
C ILE A 516 -7.73 -13.18 -6.46
N GLU A 517 -8.01 -11.90 -6.20
CA GLU A 517 -9.21 -11.54 -5.44
C GLU A 517 -10.47 -12.04 -6.12
N THR A 518 -10.57 -11.85 -7.44
CA THR A 518 -11.77 -12.23 -8.19
C THR A 518 -11.87 -13.73 -8.43
N GLU A 519 -10.89 -14.51 -7.96
CA GLU A 519 -10.87 -15.95 -8.14
C GLU A 519 -10.73 -16.34 -9.62
N CYS A 520 -10.39 -15.40 -10.49
CA CYS A 520 -10.08 -15.76 -11.87
C CYS A 520 -8.80 -16.61 -11.94
N PHE A 521 -7.85 -16.36 -11.04
CA PHE A 521 -6.63 -17.15 -10.98
C PHE A 521 -6.94 -18.59 -10.55
N LYS A 522 -7.69 -18.74 -9.45
CA LYS A 522 -8.00 -20.09 -8.97
C LYS A 522 -8.69 -20.92 -10.04
N GLU A 523 -9.48 -20.28 -10.89
CA GLU A 523 -10.28 -21.00 -11.87
C GLU A 523 -9.52 -21.30 -13.16
N LEU A 524 -8.76 -20.33 -13.67
CA LEU A 524 -8.04 -20.53 -14.92
C LEU A 524 -6.72 -21.27 -14.70
N ASN A 525 -6.13 -21.18 -13.51
CA ASN A 525 -4.83 -21.79 -13.23
C ASN A 525 -4.98 -23.31 -13.04
N VAL A 526 -5.49 -23.97 -14.07
CA VAL A 526 -5.74 -25.39 -14.06
C VAL A 526 -4.69 -26.07 -14.94
N PHE A 527 -4.17 -27.20 -14.46
CA PHE A 527 -3.15 -27.95 -15.19
C PHE A 527 -3.76 -29.27 -15.68
N GLY A 528 -2.90 -30.22 -16.03
CA GLY A 528 -3.34 -31.49 -16.56
C GLY A 528 -3.61 -32.51 -15.47
N PRO A 529 -4.43 -33.51 -15.80
CA PRO A 529 -4.80 -34.52 -14.78
C PRO A 529 -3.61 -35.42 -14.46
N ASN A 530 -3.39 -35.66 -13.17
CA ASN A 530 -2.31 -36.53 -12.70
C ASN A 530 -0.95 -35.96 -13.08
N GLY A 531 -0.76 -34.67 -12.83
CA GLY A 531 0.50 -34.02 -13.09
C GLY A 531 0.98 -34.19 -14.51
N THR A 532 0.21 -33.69 -15.47
CA THR A 532 0.57 -33.74 -16.88
C THR A 532 0.49 -32.34 -17.47
N LEU A 533 1.17 -32.15 -18.58
CA LEU A 533 1.22 -30.84 -19.21
C LEU A 533 -0.09 -30.54 -19.91
N PRO A 534 -0.73 -29.41 -19.62
CA PRO A 534 -1.98 -29.07 -20.31
C PRO A 534 -1.75 -28.88 -21.80
N PRO A 535 -2.81 -28.75 -22.58
CA PRO A 535 -2.62 -28.50 -24.03
C PRO A 535 -1.93 -27.18 -24.31
N ASP A 536 -2.17 -26.14 -23.50
CA ASP A 536 -1.60 -24.84 -23.77
C ASP A 536 -0.13 -24.74 -23.37
N LEU A 537 0.44 -25.77 -22.74
CA LEU A 537 1.83 -25.74 -22.31
C LEU A 537 2.73 -26.76 -22.99
N ASN A 538 2.19 -27.69 -23.78
CA ASN A 538 3.02 -28.57 -24.60
C ASN A 538 3.22 -27.93 -25.97
N ARG A 539 4.45 -27.99 -26.46
CA ARG A 539 4.82 -27.37 -27.73
C ARG A 539 4.76 -28.36 -28.89
N ASN A 540 4.25 -29.56 -28.67
CA ASN A 540 4.23 -30.58 -29.70
C ASN A 540 3.02 -30.48 -30.63
N HIS A 541 1.96 -29.80 -30.19
CA HIS A 541 0.82 -29.51 -31.08
C HIS A 541 0.21 -28.18 -30.67
N PRO A 542 0.34 -27.13 -31.50
CA PRO A 542 -0.30 -25.85 -31.15
C PRO A 542 -1.81 -25.89 -31.28
#